data_7ATP
#
_entry.id   7ATP
#
_cell.length_a   69.127
_cell.length_b   69.127
_cell.length_c   115.669
_cell.angle_alpha   90.000
_cell.angle_beta   90.000
_cell.angle_gamma   120.000
#
_symmetry.space_group_name_H-M   'H 3'
#
loop_
_entity.id
_entity.type
_entity.pdbx_description
1 polymer Synaptotagmin-1
2 non-polymer 'CALCIUM ION'
3 non-polymer 'CHLORIDE ION'
4 non-polymer 'ZINC ION'
5 water water
#
_entity_poly.entity_id   1
_entity_poly.type   'polypeptide(L)'
_entity_poly.pdbx_seq_one_letter_code
;KAFRRPVGIVHVKVVRAVGLRKKDLMGGADPFVKIKLSEDKIPSKKTTVKHKNLNPEWNEEFKFSVRDPQTQVLEFSVYD
WEQVGNPEKMGMNVLALKEMVPDEHKAFTLELRKTLDGGEDGQPPDKYRGKLEVELLYKPFTEEE
;
_entity_poly.pdbx_strand_id   A
#
loop_
_chem_comp.id
_chem_comp.type
_chem_comp.name
_chem_comp.formula
CA non-polymer 'CALCIUM ION' 'Ca 2'
CL non-polymer 'CHLORIDE ION' 'Cl -1'
ZN non-polymer 'ZINC ION' 'Zn 2'
#
# COMPACT_ATOMS: atom_id res chain seq x y z
N ARG A 5 -3.04 -24.47 2.05
CA ARG A 5 -3.90 -24.18 0.90
C ARG A 5 -4.61 -22.84 1.03
N PRO A 6 -4.73 -22.11 -0.07
CA PRO A 6 -5.41 -20.82 -0.05
C PRO A 6 -6.92 -20.97 0.11
N VAL A 7 -7.50 -20.00 0.83
CA VAL A 7 -8.93 -20.00 1.14
C VAL A 7 -9.67 -18.84 0.49
N GLY A 8 -8.98 -17.90 -0.16
CA GLY A 8 -9.64 -16.76 -0.74
C GLY A 8 -8.63 -15.79 -1.33
N ILE A 9 -9.17 -14.78 -2.02
CA ILE A 9 -8.37 -13.75 -2.65
C ILE A 9 -8.87 -12.40 -2.18
N VAL A 10 -7.95 -11.49 -1.91
CA VAL A 10 -8.30 -10.11 -1.57
C VAL A 10 -7.86 -9.24 -2.72
N HIS A 11 -8.69 -8.27 -3.07
CA HIS A 11 -8.42 -7.36 -4.16
C HIS A 11 -8.07 -6.01 -3.55
N VAL A 12 -6.84 -5.55 -3.79
CA VAL A 12 -6.34 -4.32 -3.21
C VAL A 12 -6.24 -3.29 -4.33
N LYS A 13 -6.90 -2.16 -4.15
CA LYS A 13 -6.75 -1.02 -5.04
C LYS A 13 -5.99 0.05 -4.27
N VAL A 14 -4.82 0.44 -4.78
CA VAL A 14 -4.10 1.58 -4.24
C VAL A 14 -4.66 2.80 -4.96
N VAL A 15 -5.34 3.66 -4.21
CA VAL A 15 -6.09 4.74 -4.84
C VAL A 15 -5.17 5.92 -5.08
N ARG A 16 -4.78 6.59 -3.99
CA ARG A 16 -3.92 7.74 -4.10
C ARG A 16 -3.16 7.90 -2.79
N ALA A 17 -2.21 8.82 -2.80
CA ALA A 17 -1.59 9.29 -1.58
C ALA A 17 -1.80 10.78 -1.55
N VAL A 18 -1.82 11.36 -0.35
CA VAL A 18 -2.13 12.77 -0.18
C VAL A 18 -1.21 13.32 0.88
N GLY A 19 -0.55 14.44 0.57
CA GLY A 19 0.26 15.12 1.55
C GLY A 19 1.62 14.49 1.82
N LEU A 20 2.28 13.96 0.80
CA LEU A 20 3.57 13.36 1.05
C LEU A 20 4.59 14.44 1.34
N ARG A 21 5.68 14.02 1.97
CA ARG A 21 6.75 14.94 2.32
C ARG A 21 7.69 15.15 1.15
N LYS A 22 8.26 16.34 1.07
CA LYS A 22 9.28 16.58 0.05
C LYS A 22 10.49 15.71 0.37
N LYS A 23 10.95 14.98 -0.63
CA LYS A 23 12.10 14.11 -0.41
C LYS A 23 13.15 14.27 -1.49
N ASP A 24 12.96 15.18 -2.44
CA ASP A 24 13.93 15.42 -3.49
C ASP A 24 14.33 16.88 -3.49
N LEU A 25 15.53 17.13 -4.01
CA LEU A 25 16.02 18.49 -4.17
C LEU A 25 15.02 19.35 -4.93
N MET A 26 14.39 18.79 -5.95
CA MET A 26 13.34 19.49 -6.69
C MET A 26 12.39 18.48 -7.31
N GLY A 27 11.12 18.83 -7.33
CA GLY A 27 10.07 18.00 -7.87
C GLY A 27 9.22 17.32 -6.82
N GLY A 28 9.59 17.42 -5.55
CA GLY A 28 8.82 16.84 -4.47
C GLY A 28 9.36 15.49 -4.05
N ALA A 29 8.97 14.46 -4.81
CA ALA A 29 9.32 13.07 -4.58
C ALA A 29 8.80 12.30 -5.78
N ASP A 30 9.22 11.05 -5.88
CA ASP A 30 8.77 10.15 -6.94
C ASP A 30 8.16 8.93 -6.27
N PRO A 31 6.96 9.06 -5.71
CA PRO A 31 6.44 8.00 -4.86
C PRO A 31 6.04 6.78 -5.67
N PHE A 32 6.22 5.63 -5.05
CA PHE A 32 5.52 4.42 -5.44
C PHE A 32 5.25 3.65 -4.16
N VAL A 33 4.38 2.65 -4.24
CA VAL A 33 3.93 1.94 -3.06
C VAL A 33 4.29 0.47 -3.18
N LYS A 34 4.81 -0.11 -2.10
CA LYS A 34 5.06 -1.54 -2.04
C LYS A 34 4.00 -2.17 -1.15
N ILE A 35 3.40 -3.24 -1.63
CA ILE A 35 2.35 -3.92 -0.89
C ILE A 35 2.79 -5.35 -0.65
N LYS A 36 2.85 -5.73 0.63
CA LYS A 36 3.22 -7.07 1.03
C LYS A 36 2.14 -7.64 1.95
N LEU A 37 1.76 -8.89 1.72
CA LEU A 37 0.85 -9.59 2.61
C LEU A 37 1.65 -10.38 3.64
N SER A 38 1.31 -10.20 4.92
CA SER A 38 2.06 -10.87 5.97
C SER A 38 1.93 -12.38 5.84
N GLU A 39 2.90 -13.09 6.41
CA GLU A 39 2.95 -14.56 6.34
C GLU A 39 2.99 -15.03 4.90
N ASP A 40 3.92 -14.48 4.12
CA ASP A 40 3.97 -14.80 2.70
C ASP A 40 5.39 -14.71 2.20
N LYS A 41 5.67 -15.47 1.14
CA LYS A 41 6.98 -15.46 0.48
C LYS A 41 6.84 -15.21 -1.02
N ILE A 42 5.82 -14.46 -1.41
CA ILE A 42 5.64 -14.04 -2.81
C ILE A 42 6.37 -12.70 -2.94
N PRO A 43 6.89 -12.34 -4.11
CA PRO A 43 7.42 -10.99 -4.28
C PRO A 43 6.37 -9.95 -3.96
N SER A 44 6.75 -8.93 -3.21
CA SER A 44 5.81 -7.86 -2.92
C SER A 44 5.38 -7.19 -4.22
N LYS A 45 4.27 -6.46 -4.15
CA LYS A 45 3.80 -5.72 -5.30
C LYS A 45 4.22 -4.26 -5.19
N LYS A 46 4.41 -3.62 -6.34
CA LYS A 46 4.78 -2.23 -6.42
C LYS A 46 3.92 -1.52 -7.45
N THR A 47 3.44 -0.33 -7.11
CA THR A 47 2.74 0.46 -8.09
C THR A 47 3.73 1.13 -9.02
N THR A 48 3.17 1.73 -10.06
CA THR A 48 3.94 2.63 -10.88
C THR A 48 4.56 3.75 -10.04
N VAL A 49 5.66 4.32 -10.55
CA VAL A 49 6.27 5.50 -9.95
C VAL A 49 5.58 6.74 -10.50
N LYS A 50 5.23 7.65 -9.63
CA LYS A 50 4.59 8.87 -10.07
C LYS A 50 5.60 9.99 -9.90
N HIS A 51 6.41 10.19 -10.93
CA HIS A 51 7.51 11.14 -10.83
C HIS A 51 7.02 12.52 -10.45
N LYS A 52 7.81 13.20 -9.60
CA LYS A 52 7.62 14.61 -9.32
C LYS A 52 6.17 14.90 -8.91
N ASN A 53 5.70 14.15 -7.92
CA ASN A 53 4.30 14.25 -7.55
C ASN A 53 4.13 13.99 -6.06
N LEU A 54 3.62 14.97 -5.33
CA LEU A 54 3.36 14.79 -3.91
C LEU A 54 1.91 14.41 -3.61
N ASN A 55 1.06 14.37 -4.62
CA ASN A 55 -0.29 13.86 -4.47
C ASN A 55 -0.57 12.86 -5.59
N PRO A 56 0.08 11.71 -5.57
CA PRO A 56 -0.06 10.79 -6.71
C PRO A 56 -1.37 10.05 -6.66
N GLU A 57 -1.89 9.76 -7.84
CA GLU A 57 -3.08 8.95 -7.98
C GLU A 57 -2.71 7.76 -8.85
N TRP A 58 -2.89 6.56 -8.31
CA TRP A 58 -2.61 5.36 -9.07
C TRP A 58 -3.88 4.66 -9.52
N ASN A 59 -4.81 4.41 -8.61
CA ASN A 59 -5.93 3.56 -8.91
C ASN A 59 -5.46 2.23 -9.47
N GLU A 60 -4.45 1.66 -8.81
CA GLU A 60 -3.84 0.44 -9.29
C GLU A 60 -4.30 -0.73 -8.44
N GLU A 61 -4.66 -1.82 -9.10
CA GLU A 61 -5.29 -2.96 -8.44
C GLU A 61 -4.34 -4.14 -8.40
N PHE A 62 -4.23 -4.76 -7.24
CA PHE A 62 -3.45 -5.97 -7.07
C PHE A 62 -4.33 -6.99 -6.38
N LYS A 63 -3.92 -8.26 -6.43
CA LYS A 63 -4.64 -9.33 -5.78
C LYS A 63 -3.66 -10.25 -5.07
N PHE A 64 -4.11 -10.80 -3.95
CA PHE A 64 -3.28 -11.60 -3.06
C PHE A 64 -3.99 -12.88 -2.65
N SER A 65 -3.25 -13.99 -2.68
CA SER A 65 -3.74 -15.28 -2.21
C SER A 65 -3.83 -15.27 -0.69
N VAL A 66 -5.06 -15.30 -0.17
CA VAL A 66 -5.27 -15.34 1.27
C VAL A 66 -5.19 -16.79 1.75
N ARG A 67 -4.38 -17.02 2.78
CA ARG A 67 -4.37 -18.31 3.45
C ARG A 67 -5.18 -18.29 4.74
N ASP A 68 -5.06 -17.23 5.56
CA ASP A 68 -5.99 -17.06 6.67
C ASP A 68 -6.27 -15.60 6.96
N PRO A 69 -7.54 -15.19 6.93
CA PRO A 69 -7.86 -13.76 6.97
C PRO A 69 -7.93 -13.11 8.33
N GLN A 70 -8.04 -13.84 9.43
CA GLN A 70 -7.92 -13.12 10.69
C GLN A 70 -6.48 -12.98 11.13
N THR A 71 -5.58 -13.72 10.50
CA THR A 71 -4.16 -13.72 10.84
C THR A 71 -3.37 -12.73 10.01
N GLN A 72 -3.49 -12.84 8.69
CA GLN A 72 -2.62 -12.10 7.79
C GLN A 72 -2.95 -10.62 7.80
N VAL A 73 -1.94 -9.81 7.47
CA VAL A 73 -2.03 -8.36 7.52
C VAL A 73 -1.33 -7.80 6.29
N LEU A 74 -1.91 -6.74 5.71
CA LEU A 74 -1.31 -6.07 4.57
C LEU A 74 -0.34 -4.99 5.03
N GLU A 75 0.83 -4.95 4.40
CA GLU A 75 1.86 -3.96 4.68
C GLU A 75 2.01 -3.06 3.46
N PHE A 76 1.76 -1.76 3.63
CA PHE A 76 1.89 -0.76 2.58
C PHE A 76 3.09 0.12 2.90
N SER A 77 4.08 0.16 2.01
CA SER A 77 5.27 0.98 2.20
C SER A 77 5.38 1.96 1.06
N VAL A 78 5.51 3.25 1.39
CA VAL A 78 5.62 4.30 0.38
C VAL A 78 7.08 4.70 0.27
N TYR A 79 7.62 4.60 -0.94
CA TYR A 79 9.01 4.91 -1.22
C TYR A 79 9.10 5.99 -2.28
N ASP A 80 10.20 6.74 -2.21
CA ASP A 80 10.56 7.75 -3.21
C ASP A 80 11.67 7.19 -4.10
N TRP A 81 11.34 6.90 -5.34
CA TRP A 81 12.31 6.34 -6.27
C TRP A 81 13.46 7.32 -6.45
N GLU A 82 14.67 6.82 -6.51
CA GLU A 82 15.83 7.68 -6.71
C GLU A 82 16.48 7.37 -8.04
N GLN A 83 17.02 8.42 -8.67
CA GLN A 83 17.73 8.22 -9.90
C GLN A 83 19.01 7.47 -9.66
N VAL A 84 19.56 7.58 -8.46
CA VAL A 84 20.79 6.89 -8.12
C VAL A 84 20.61 6.25 -6.76
N GLY A 85 20.95 4.98 -6.69
CA GLY A 85 20.86 4.28 -5.44
C GLY A 85 19.48 3.69 -5.26
N ASN A 86 19.20 3.40 -4.08
CA ASN A 86 17.96 2.72 -3.82
C ASN A 86 16.87 3.70 -3.43
N PRO A 87 15.62 3.35 -3.65
CA PRO A 87 14.52 4.22 -3.23
C PRO A 87 14.65 4.50 -1.74
N GLU A 88 14.17 5.66 -1.31
CA GLU A 88 14.18 6.00 0.11
C GLU A 88 12.78 5.93 0.67
N LYS A 89 12.66 5.24 1.80
CA LYS A 89 11.38 5.10 2.47
C LYS A 89 10.76 6.47 2.72
N MET A 90 9.44 6.55 2.60
CA MET A 90 8.70 7.74 2.96
C MET A 90 7.68 7.50 4.08
N GLY A 91 7.54 6.27 4.55
CA GLY A 91 6.53 5.97 5.53
C GLY A 91 5.79 4.70 5.15
N MET A 92 5.11 4.11 6.11
CA MET A 92 4.42 2.85 5.88
C MET A 92 3.23 2.78 6.82
N ASN A 93 2.42 1.75 6.63
CA ASN A 93 1.39 1.38 7.59
C ASN A 93 0.96 -0.04 7.28
N VAL A 94 0.19 -0.62 8.19
CA VAL A 94 -0.36 -1.95 7.99
C VAL A 94 -1.87 -1.85 7.98
N LEU A 95 -2.51 -2.89 7.46
CA LEU A 95 -3.96 -2.99 7.43
C LEU A 95 -4.34 -4.45 7.63
N ALA A 96 -5.13 -4.72 8.67
CA ALA A 96 -5.45 -6.09 9.06
C ALA A 96 -6.56 -6.63 8.19
N LEU A 97 -6.41 -7.88 7.74
CA LEU A 97 -7.44 -8.50 6.93
C LEU A 97 -8.70 -8.88 7.73
N LYS A 98 -8.67 -8.80 9.05
CA LYS A 98 -9.91 -8.98 9.79
C LYS A 98 -10.86 -7.81 9.63
N GLU A 99 -10.41 -6.72 9.01
CA GLU A 99 -11.17 -5.48 8.90
C GLU A 99 -12.09 -5.44 7.68
N MET A 100 -12.64 -6.58 7.24
CA MET A 100 -13.49 -6.57 6.06
C MET A 100 -14.49 -7.72 6.09
N VAL A 101 -15.44 -7.64 5.18
CA VAL A 101 -16.45 -8.66 4.94
C VAL A 101 -16.38 -9.03 3.47
N PRO A 102 -16.56 -10.30 3.10
CA PRO A 102 -16.55 -10.66 1.68
C PRO A 102 -17.61 -9.93 0.86
N ASP A 103 -17.25 -9.63 -0.39
CA ASP A 103 -18.14 -9.05 -1.40
C ASP A 103 -18.58 -7.64 -1.04
N GLU A 104 -17.71 -6.84 -0.42
CA GLU A 104 -18.06 -5.47 -0.11
C GLU A 104 -16.86 -4.56 -0.37
N HIS A 105 -17.11 -3.48 -1.10
CA HIS A 105 -16.09 -2.52 -1.53
C HIS A 105 -15.80 -1.59 -0.36
N LYS A 106 -14.71 -1.85 0.36
CA LYS A 106 -14.38 -1.11 1.58
C LYS A 106 -13.13 -0.28 1.37
N ALA A 107 -13.23 1.01 1.64
CA ALA A 107 -12.10 1.91 1.50
C ALA A 107 -11.42 2.10 2.85
N PHE A 108 -10.19 2.62 2.80
CA PHE A 108 -9.49 2.95 4.02
C PHE A 108 -8.56 4.12 3.75
N THR A 109 -8.17 4.80 4.81
CA THR A 109 -7.21 5.89 4.70
C THR A 109 -6.17 5.65 5.79
N LEU A 110 -4.96 5.30 5.40
CA LEU A 110 -3.90 4.97 6.34
C LEU A 110 -2.95 6.14 6.47
N GLU A 111 -2.60 6.48 7.71
CA GLU A 111 -1.57 7.48 7.96
C GLU A 111 -0.20 6.82 7.86
N LEU A 112 0.75 7.52 7.26
CA LEU A 112 2.08 6.99 7.08
C LEU A 112 2.92 7.28 8.33
N ARG A 113 3.59 6.24 8.84
CA ARG A 113 4.47 6.39 9.99
C ARG A 113 5.82 5.74 9.72
N LYS A 114 6.80 6.16 10.53
CA LYS A 114 8.17 5.68 10.39
C LYS A 114 8.22 4.16 10.51
N THR A 115 7.61 3.60 11.56
CA THR A 115 7.41 2.17 11.67
C THR A 115 6.19 1.93 12.56
N LEU A 116 5.71 0.70 12.53
CA LEU A 116 4.48 0.31 13.19
C LEU A 116 4.55 0.47 14.71
N ASP A 126 3.58 11.55 14.55
CA ASP A 126 4.83 12.27 14.36
C ASP A 126 4.66 13.41 13.38
N LYS A 127 5.76 13.78 12.73
CA LYS A 127 5.70 14.66 11.57
C LYS A 127 4.73 14.08 10.55
N TYR A 128 3.75 14.89 10.15
CA TYR A 128 2.73 14.43 9.21
C TYR A 128 3.39 13.96 7.93
N ARG A 129 3.31 12.66 7.65
CA ARG A 129 3.94 12.10 6.47
C ARG A 129 2.94 11.85 5.34
N GLY A 130 1.68 12.23 5.52
CA GLY A 130 0.68 12.07 4.49
C GLY A 130 -0.20 10.86 4.72
N LYS A 131 -1.11 10.66 3.77
CA LYS A 131 -2.12 9.63 3.85
C LYS A 131 -2.08 8.76 2.61
N LEU A 132 -2.44 7.50 2.77
CA LEU A 132 -2.57 6.57 1.67
C LEU A 132 -3.97 6.00 1.70
N GLU A 133 -4.74 6.25 0.63
CA GLU A 133 -6.09 5.71 0.52
C GLU A 133 -6.04 4.39 -0.24
N VAL A 134 -6.64 3.35 0.33
CA VAL A 134 -6.71 2.06 -0.34
C VAL A 134 -8.14 1.56 -0.28
N GLU A 135 -8.47 0.64 -1.18
CA GLU A 135 -9.74 -0.10 -1.16
C GLU A 135 -9.44 -1.58 -1.15
N LEU A 136 -10.24 -2.33 -0.41
CA LEU A 136 -10.11 -3.77 -0.32
C LEU A 136 -11.44 -4.42 -0.65
N LEU A 137 -11.36 -5.57 -1.32
CA LEU A 137 -12.53 -6.38 -1.62
C LEU A 137 -12.11 -7.83 -1.45
N TYR A 138 -12.70 -8.52 -0.48
CA TYR A 138 -12.39 -9.90 -0.19
C TYR A 138 -13.40 -10.81 -0.87
N LYS A 139 -12.91 -11.89 -1.44
CA LYS A 139 -13.77 -12.86 -2.08
C LYS A 139 -13.25 -14.27 -1.79
N PRO A 140 -14.00 -15.07 -1.00
CA PRO A 140 -13.58 -16.45 -0.73
C PRO A 140 -14.18 -17.43 -1.74
N PHE A 141 -13.83 -18.70 -1.61
CA PHE A 141 -14.21 -19.69 -2.62
C PHE A 141 -15.64 -20.23 -2.45
N THR A 142 -16.09 -20.48 -1.22
CA THR A 142 -17.46 -20.97 -1.05
C THR A 142 -18.13 -20.48 0.22
CA CA B . 13.26 10.99 -5.79
CA CA C . 14.95 11.62 -2.74
CL CL D . 7.43 5.70 -14.76
ZN ZN E . 9.59 6.39 -14.65
#